data_3OKN
#
_entry.id   3OKN
#
_cell.length_a   45.692
_cell.length_b   82.022
_cell.length_c   130.594
_cell.angle_alpha   90.00
_cell.angle_beta   90.00
_cell.angle_gamma   90.00
#
_symmetry.space_group_name_H-M   'P 21 21 21'
#
loop_
_entity.id
_entity.type
_entity.pdbx_description
1 polymer 'S25-39 Fab (IgG1k) light chain'
2 polymer 'S25-39 Fab (IgG1k) heavy chain'
3 branched '3-deoxy-alpha-D-manno-oct-2-ulopyranosonic acid-(2-4)-3-deoxy-alpha-D-manno-oct-2-ulopyranosonic acid-(2-4)-prop-2-en-1-yl 3-deoxy-alpha-D-manno-oct-2-ulopyranosidonic acid'
4 non-polymer 'ZINC ION'
5 water water
#
loop_
_entity_poly.entity_id
_entity_poly.type
_entity_poly.pdbx_seq_one_letter_code
_entity_poly.pdbx_strand_id
1 'polypeptide(L)'
;DIVMTQSPSSLAVSAGEKVTMNCKSSQSLLNSRTRKNYLAWYQQKPGQSPKLLIYWASTRESGVPDRFTGSGSGTDFALT
ISSVQAEDLAVYYCKQSYNLRTFGGGTKLEIKRADAAPTVSIFPPSSEQLTSGGASVVCFLNNFYPKDINVKWKIDGSER
ANGVLNSWTDQDSKDSTYSMTSTLTLTKDEYERHNSYTCEASHKTSTSPIVKSFNRNEC
;
A
2 'polypeptide(L)'
;EVKLVESGGGLVQPGGSLRLACATSGFTFTDYYMSWVRQPPGKALEWLGFIRNKAKGYTTEYSASVKGRFTISRDNSQSS
LYLQMNTLRAEDSATYYCARDHDGYYERFAYWGQGTLVTVSAAATTPPSVYPLAPGSAAQTNSMVTLGCLVKGYFPEPVT
VTWNSGSLSTGVHTFPAVLSSDLYTLTSSVTVPSKTWPSETVTCNVAHPASSTKVDKKIVPR
;
B
#
loop_
_chem_comp.id
_chem_comp.type
_chem_comp.name
_chem_comp.formula
KDA D-saccharide 'prop-2-en-1-yl 3-deoxy-alpha-D-manno-oct-2-ulopyranosidonic acid' 'C11 H18 O8'
KDO D-saccharide, alpha linking '3-deoxy-alpha-D-manno-oct-2-ulopyranosonic acid' 'C8 H14 O8'
ZN non-polymer 'ZINC ION' 'Zn 2'
#
# COMPACT_ATOMS: atom_id res chain seq x y z
N ASP A 1 17.74 21.00 -10.02
CA ASP A 1 18.62 20.05 -9.35
C ASP A 1 18.95 20.50 -7.92
N ILE A 2 18.11 20.12 -6.96
CA ILE A 2 18.66 19.71 -5.66
C ILE A 2 18.46 18.18 -5.52
N VAL A 3 19.56 17.43 -5.55
CA VAL A 3 19.52 15.96 -5.47
C VAL A 3 19.45 15.50 -4.03
N MET A 4 18.44 14.68 -3.68
CA MET A 4 18.24 14.18 -2.29
C MET A 4 18.48 12.67 -2.31
N THR A 5 19.29 12.20 -1.36
CA THR A 5 19.53 10.75 -1.27
C THR A 5 19.47 10.32 0.19
N GLN A 6 19.03 9.10 0.39
CA GLN A 6 18.87 8.61 1.74
C GLN A 6 19.57 7.29 1.88
N SER A 7 20.04 6.99 3.09
CA SER A 7 20.58 5.66 3.37
C SER A 7 20.33 5.31 4.82
N PRO A 8 20.27 3.99 5.13
CA PRO A 8 20.40 2.87 4.19
C PRO A 8 19.11 2.77 3.42
N SER A 9 19.06 1.98 2.34
CA SER A 9 17.81 1.86 1.61
C SER A 9 16.85 1.04 2.44
N SER A 10 17.37 0.11 3.24
CA SER A 10 16.49 -0.68 4.11
C SER A 10 17.26 -1.25 5.26
N LEU A 11 16.58 -1.54 6.37
CA LEU A 11 17.24 -2.20 7.52
C LEU A 11 16.16 -2.81 8.44
N ALA A 12 16.56 -3.76 9.31
CA ALA A 12 15.62 -4.40 10.24
C ALA A 12 16.14 -4.15 11.64
N VAL A 13 15.26 -3.79 12.57
CA VAL A 13 15.72 -3.53 13.95
C VAL A 13 14.73 -4.14 14.96
N SER A 14 15.20 -4.73 16.06
CA SER A 14 14.25 -5.34 17.03
C SER A 14 13.64 -4.22 17.85
N ALA A 15 12.44 -4.46 18.41
CA ALA A 15 11.79 -3.45 19.28
C ALA A 15 12.74 -3.06 20.39
N GLY A 16 12.63 -1.80 20.83
CA GLY A 16 13.47 -1.32 21.93
C GLY A 16 14.83 -0.84 21.47
N GLU A 17 15.28 -1.24 20.28
CA GLU A 17 16.59 -0.76 19.79
C GLU A 17 16.59 0.66 19.16
N LYS A 18 17.78 1.20 18.98
CA LYS A 18 17.98 2.48 18.30
C LYS A 18 18.07 2.35 16.76
N VAL A 19 17.45 3.27 16.04
CA VAL A 19 17.48 3.29 14.57
C VAL A 19 18.00 4.69 14.20
N THR A 20 18.99 4.79 13.30
CA THR A 20 19.42 6.07 12.78
C THR A 20 19.30 5.99 11.23
N MET A 21 18.72 7.00 10.58
CA MET A 21 18.68 7.02 9.10
C MET A 21 19.05 8.39 8.60
N ASN A 22 19.76 8.41 7.47
CA ASN A 22 20.45 9.58 7.05
C ASN A 22 19.86 10.12 5.79
N CYS A 23 19.98 11.43 5.62
CA CYS A 23 19.48 12.11 4.43
C CYS A 23 20.54 13.11 3.97
N LYS A 24 20.90 13.03 2.70
CA LYS A 24 21.93 13.87 2.20
C LYS A 24 21.36 14.74 1.07
N SER A 25 21.50 16.04 1.22
CA SER A 25 21.26 16.99 0.11
C SER A 25 22.50 17.33 -0.74
N SER A 26 22.31 17.64 -2.02
CA SER A 26 23.47 18.04 -2.87
C SER A 26 23.93 19.50 -2.72
N GLN A 27 23.14 20.30 -2.02
CA GLN A 27 23.55 21.65 -1.67
C GLN A 27 22.81 22.04 -0.40
N SER A 28 23.34 23.05 0.28
CA SER A 28 22.89 23.38 1.60
C SER A 28 21.41 23.75 1.52
N LEU A 29 20.69 23.49 2.62
CA LEU A 29 19.26 23.81 2.72
C LEU A 29 19.07 24.77 3.90
N LEU A 30 20.19 25.39 4.29
CA LEU A 30 20.23 26.48 5.27
C LEU A 30 19.94 27.88 4.65
N ASN A 31 18.82 28.46 5.04
CA ASN A 31 18.51 29.82 4.63
C ASN A 31 19.34 30.71 5.53
N SER A 32 20.47 31.19 5.02
CA SER A 32 21.44 31.92 5.85
C SER A 32 20.75 33.02 6.66
N ARG A 33 19.68 33.57 6.06
CA ARG A 33 18.89 34.64 6.64
C ARG A 33 18.32 34.21 7.99
N THR A 34 17.30 33.35 7.89
CA THR A 34 16.53 32.84 9.04
C THR A 34 17.30 31.81 9.88
N ARG A 35 18.37 31.26 9.32
CA ARG A 35 19.08 30.17 9.99
C ARG A 35 18.12 28.99 10.27
N LYS A 36 17.41 28.57 9.23
CA LYS A 36 16.57 27.40 9.33
C LYS A 36 16.91 26.51 8.19
N ASN A 37 16.98 25.23 8.49
CA ASN A 37 17.17 24.26 7.40
C ASN A 37 15.83 23.81 6.89
N TYR A 38 15.63 23.92 5.58
CA TYR A 38 14.32 23.55 4.95
C TYR A 38 14.24 22.06 4.64
N LEU A 39 14.09 21.20 5.66
CA LEU A 39 14.18 19.75 5.47
C LEU A 39 13.11 19.10 6.31
N ALA A 40 12.22 18.33 5.68
CA ALA A 40 11.23 17.66 6.52
C ALA A 40 11.35 16.15 6.40
N TRP A 41 10.90 15.47 7.46
CA TRP A 41 10.82 14.00 7.51
C TRP A 41 9.41 13.53 7.49
N TYR A 42 9.12 12.52 6.64
CA TYR A 42 7.79 11.96 6.61
C TYR A 42 7.81 10.45 6.87
N GLN A 43 6.69 9.94 7.36
CA GLN A 43 6.55 8.54 7.65
C GLN A 43 5.41 8.01 6.84
N GLN A 44 5.61 6.90 6.14
CA GLN A 44 4.50 6.34 5.36
C GLN A 44 4.37 4.92 5.82
N LYS A 45 3.32 4.59 6.59
CA LYS A 45 3.15 3.19 6.98
C LYS A 45 2.52 2.46 5.81
N PRO A 46 2.61 1.10 5.77
CA PRO A 46 2.01 0.34 4.65
C PRO A 46 0.55 0.68 4.38
N GLY A 47 0.20 0.93 3.11
CA GLY A 47 -1.20 1.20 2.78
C GLY A 47 -1.73 2.58 3.18
N GLN A 48 -0.88 3.41 3.78
CA GLN A 48 -1.38 4.71 4.26
C GLN A 48 -0.70 5.85 3.52
N SER A 49 -1.22 7.06 3.72
CA SER A 49 -0.68 8.27 3.15
C SER A 49 0.52 8.69 3.98
N PRO A 50 1.47 9.38 3.34
CA PRO A 50 2.66 9.80 4.10
C PRO A 50 2.19 10.69 5.27
N LYS A 51 2.95 10.79 6.36
CA LYS A 51 2.53 11.65 7.46
C LYS A 51 3.74 12.41 7.97
N LEU A 52 3.55 13.68 8.35
CA LEU A 52 4.67 14.53 8.77
C LEU A 52 5.16 14.14 10.16
N LEU A 53 6.48 14.05 10.32
CA LEU A 53 7.07 13.79 11.64
C LEU A 53 7.86 15.01 12.08
N ILE A 54 8.69 15.54 11.18
CA ILE A 54 9.62 16.64 11.52
C ILE A 54 9.76 17.66 10.35
N TYR A 55 9.89 18.93 10.73
CA TYR A 55 10.24 20.00 9.80
C TYR A 55 11.31 20.97 10.34
N TRP A 56 11.80 21.81 9.43
CA TRP A 56 12.96 22.65 9.77
C TRP A 56 14.04 21.84 10.47
N ALA A 57 14.22 20.60 10.01
CA ALA A 57 15.30 19.67 10.44
C ALA A 57 15.06 18.95 11.77
N SER A 58 14.57 19.69 12.76
CA SER A 58 14.63 19.25 14.16
C SER A 58 13.36 19.57 14.92
N THR A 59 12.47 20.33 14.28
CA THR A 59 11.20 20.66 14.93
C THR A 59 10.19 19.53 14.78
N ARG A 60 9.83 18.93 15.92
CA ARG A 60 8.95 17.78 15.97
C ARG A 60 7.47 18.17 15.87
N GLU A 61 6.75 17.69 14.86
CA GLU A 61 5.30 17.96 14.70
C GLU A 61 4.49 17.49 15.92
N SER A 62 3.53 18.30 16.37
CA SER A 62 2.76 17.95 17.59
C SER A 62 2.00 16.62 17.37
N GLY A 63 1.87 15.80 18.41
CA GLY A 63 1.30 14.48 18.19
C GLY A 63 2.36 13.40 17.94
N VAL A 64 3.52 13.78 17.42
CA VAL A 64 4.59 12.80 17.11
C VAL A 64 5.35 12.34 18.37
N PRO A 65 5.39 11.01 18.66
CA PRO A 65 6.09 10.46 19.83
C PRO A 65 7.50 11.00 19.93
N ASP A 66 7.98 11.19 21.14
CA ASP A 66 9.26 11.87 21.37
C ASP A 66 10.43 10.95 21.10
N ARG A 67 10.15 9.69 20.77
CA ARG A 67 11.26 8.79 20.47
C ARG A 67 11.80 9.16 19.06
N PHE A 68 11.07 10.00 18.33
CA PHE A 68 11.55 10.51 17.03
C PHE A 68 12.30 11.82 17.18
N THR A 69 13.51 11.88 16.61
CA THR A 69 14.31 13.06 16.67
C THR A 69 14.94 13.40 15.31
N GLY A 70 14.67 14.58 14.79
CA GLY A 70 15.40 15.08 13.60
C GLY A 70 16.67 15.83 13.98
N SER A 71 17.75 15.73 13.17
CA SER A 71 18.99 16.46 13.47
C SER A 71 19.78 16.73 12.21
N GLY A 72 20.77 17.62 12.29
CA GLY A 72 21.72 17.81 11.19
C GLY A 72 21.66 19.23 10.64
N SER A 73 22.46 19.52 9.62
CA SER A 73 22.46 20.86 9.11
C SER A 73 23.20 20.91 7.77
N GLY A 74 22.88 21.90 6.94
CA GLY A 74 23.54 22.09 5.65
C GLY A 74 23.18 21.06 4.57
N THR A 75 24.06 20.08 4.34
CA THR A 75 23.73 19.02 3.42
C THR A 75 23.51 17.68 4.13
N ASP A 76 23.61 17.60 5.45
CA ASP A 76 23.43 16.27 6.11
C ASP A 76 22.50 16.28 7.29
N PHE A 77 21.62 15.29 7.30
CA PHE A 77 20.48 15.20 8.18
C PHE A 77 20.24 13.74 8.55
N ALA A 78 19.67 13.56 9.74
CA ALA A 78 19.38 12.22 10.33
C ALA A 78 18.05 12.30 11.03
N LEU A 79 17.38 11.15 11.09
CA LEU A 79 16.16 10.91 11.88
C LEU A 79 16.54 9.70 12.75
N THR A 80 16.35 9.83 14.05
CA THR A 80 16.81 8.80 14.96
C THR A 80 15.62 8.36 15.76
N ILE A 81 15.38 7.07 15.84
CA ILE A 81 14.30 6.59 16.66
C ILE A 81 15.04 6.02 17.83
N SER A 82 14.79 6.59 19.00
CA SER A 82 15.52 6.25 20.23
C SER A 82 15.16 4.84 20.66
N SER A 83 13.90 4.47 20.48
CA SER A 83 13.52 3.13 20.90
C SER A 83 12.37 2.56 20.07
N VAL A 84 12.71 1.80 19.04
CA VAL A 84 11.73 1.39 18.04
C VAL A 84 10.60 0.55 18.62
N GLN A 85 9.37 0.84 18.18
CA GLN A 85 8.21 -0.02 18.47
C GLN A 85 7.63 -0.65 17.22
N ALA A 86 6.90 -1.72 17.46
CA ALA A 86 6.40 -2.51 16.34
C ALA A 86 5.63 -1.65 15.31
N GLU A 87 4.99 -0.58 15.77
CA GLU A 87 4.14 0.22 14.88
C GLU A 87 4.99 1.16 14.00
N ASP A 88 6.29 1.27 14.30
CA ASP A 88 7.19 2.19 13.58
C ASP A 88 7.63 1.70 12.21
N LEU A 89 7.24 0.46 11.92
CA LEU A 89 7.39 -0.14 10.59
C LEU A 89 6.87 0.82 9.50
N ALA A 90 7.72 1.20 8.55
CA ALA A 90 7.36 2.22 7.55
C ALA A 90 8.52 2.60 6.61
N VAL A 91 8.23 3.35 5.54
CA VAL A 91 9.26 4.02 4.74
C VAL A 91 9.34 5.47 5.17
N TYR A 92 10.55 5.97 5.46
CA TYR A 92 10.74 7.32 5.99
C TYR A 92 11.38 8.15 4.86
N TYR A 93 10.76 9.26 4.49
CA TYR A 93 11.34 10.10 3.40
C TYR A 93 11.79 11.44 3.99
N CYS A 94 12.92 11.94 3.53
CA CYS A 94 13.25 13.34 3.80
C CYS A 94 12.90 14.14 2.54
N LYS A 95 12.61 15.43 2.70
CA LYS A 95 12.14 16.27 1.61
C LYS A 95 12.67 17.70 1.82
N GLN A 96 13.44 18.17 0.84
CA GLN A 96 13.92 19.55 0.89
C GLN A 96 12.85 20.43 0.32
N SER A 97 12.76 21.65 0.84
CA SER A 97 11.78 22.62 0.32
C SER A 97 12.49 23.95 0.20
N TYR A 98 13.82 23.91 0.11
CA TYR A 98 14.62 25.13 -0.05
C TYR A 98 14.42 25.77 -1.43
N ASN A 99 14.40 24.95 -2.46
CA ASN A 99 14.15 25.40 -3.84
C ASN A 99 13.08 24.42 -4.41
N LEU A 100 11.82 24.88 -4.46
CA LEU A 100 10.65 24.02 -4.77
C LEU A 100 10.63 22.86 -3.73
N ARG A 101 10.50 21.59 -4.14
CA ARG A 101 10.55 20.47 -3.14
C ARG A 101 11.02 19.18 -3.80
N THR A 102 11.74 18.31 -3.07
CA THR A 102 12.27 17.12 -3.71
C THR A 102 12.36 16.10 -2.60
N PHE A 103 11.84 14.87 -2.82
CA PHE A 103 11.91 13.83 -1.80
C PHE A 103 13.18 12.99 -2.01
N GLY A 104 13.76 12.51 -0.92
CA GLY A 104 14.81 11.51 -1.02
C GLY A 104 14.17 10.22 -1.46
N GLY A 105 14.96 9.16 -1.62
CA GLY A 105 14.45 7.91 -2.16
C GLY A 105 13.77 7.02 -1.09
N GLY A 106 13.94 7.40 0.16
CA GLY A 106 13.26 6.68 1.24
C GLY A 106 14.11 5.64 1.95
N THR A 107 13.84 5.40 3.25
CA THR A 107 14.49 4.29 3.98
C THR A 107 13.39 3.40 4.53
N LYS A 108 13.42 2.14 4.14
CA LYS A 108 12.39 1.21 4.51
C LYS A 108 12.77 0.53 5.84
N LEU A 109 12.03 0.76 6.90
CA LEU A 109 12.42 0.20 8.20
C LEU A 109 11.61 -1.04 8.47
N GLU A 110 12.28 -2.18 8.54
CA GLU A 110 11.57 -3.40 8.90
C GLU A 110 11.83 -3.72 10.40
N ILE A 111 10.89 -4.43 11.04
CA ILE A 111 11.10 -4.92 12.40
C ILE A 111 11.60 -6.39 12.42
N LYS A 112 12.73 -6.62 13.10
CA LYS A 112 13.20 -7.99 13.42
C LYS A 112 12.44 -8.46 14.67
N ARG A 113 11.99 -9.73 14.70
CA ARG A 113 11.42 -10.30 15.94
C ARG A 113 11.85 -11.79 16.02
N ALA A 114 11.39 -12.54 17.02
CA ALA A 114 11.70 -13.97 17.09
C ALA A 114 11.09 -14.70 15.93
N ASP A 115 11.78 -15.75 15.45
CA ASP A 115 11.17 -16.67 14.45
C ASP A 115 9.80 -17.23 14.88
N ALA A 116 8.91 -17.32 13.91
CA ALA A 116 7.58 -17.85 14.20
C ALA A 116 7.14 -18.65 12.98
N ALA A 117 6.62 -19.83 13.23
CA ALA A 117 6.24 -20.77 12.19
C ALA A 117 4.84 -20.40 11.68
N PRO A 118 4.51 -20.77 10.43
CA PRO A 118 3.29 -20.25 9.79
C PRO A 118 2.11 -21.10 10.12
N THR A 119 0.93 -20.49 10.17
CA THR A 119 -0.29 -21.27 10.28
C THR A 119 -0.82 -21.48 8.86
N VAL A 120 -0.94 -22.73 8.42
CA VAL A 120 -1.35 -23.00 7.07
C VAL A 120 -2.80 -23.48 7.04
N SER A 121 -3.54 -23.02 6.04
CA SER A 121 -4.87 -23.56 5.65
C SER A 121 -5.01 -23.64 4.14
N ILE A 122 -5.76 -24.63 3.66
CA ILE A 122 -5.95 -24.84 2.24
C ILE A 122 -7.46 -24.71 1.95
N PHE A 123 -7.82 -24.20 0.77
CA PHE A 123 -9.23 -24.09 0.35
C PHE A 123 -9.42 -24.61 -1.06
N PRO A 124 -10.40 -25.54 -1.22
CA PRO A 124 -10.80 -26.05 -2.53
C PRO A 124 -11.43 -24.94 -3.41
N PRO A 125 -11.48 -25.14 -4.75
CA PRO A 125 -12.24 -24.26 -5.64
C PRO A 125 -13.70 -24.22 -5.17
N SER A 126 -14.34 -23.04 -5.27
CA SER A 126 -15.78 -22.86 -5.01
C SER A 126 -16.63 -23.48 -6.13
N SER A 127 -17.88 -23.90 -5.84
CA SER A 127 -18.72 -24.46 -6.91
C SER A 127 -19.04 -23.39 -7.97
N GLU A 128 -19.16 -22.14 -7.51
CA GLU A 128 -19.35 -21.00 -8.41
C GLU A 128 -18.18 -20.91 -9.41
N GLN A 129 -16.94 -20.89 -8.94
CA GLN A 129 -15.83 -20.90 -9.91
C GLN A 129 -15.84 -22.15 -10.81
N LEU A 130 -16.06 -23.33 -10.24
CA LEU A 130 -15.96 -24.52 -11.06
C LEU A 130 -16.95 -24.42 -12.18
N THR A 131 -18.23 -24.23 -11.85
CA THR A 131 -19.27 -24.21 -12.90
C THR A 131 -18.97 -23.21 -14.03
N SER A 132 -18.09 -22.23 -13.79
CA SER A 132 -17.65 -21.29 -14.83
C SER A 132 -16.42 -21.81 -15.57
N GLY A 133 -15.87 -22.92 -15.06
CA GLY A 133 -14.82 -23.65 -15.75
C GLY A 133 -13.40 -23.51 -15.23
N GLY A 134 -13.17 -22.74 -14.17
CA GLY A 134 -11.83 -22.67 -13.60
C GLY A 134 -11.79 -23.40 -12.26
N ALA A 135 -10.59 -23.71 -11.76
CA ALA A 135 -10.47 -24.21 -10.40
C ALA A 135 -9.26 -23.54 -9.72
N SER A 136 -9.46 -22.63 -8.78
CA SER A 136 -8.29 -22.17 -8.04
C SER A 136 -8.23 -22.80 -6.65
N VAL A 137 -7.04 -23.32 -6.29
CA VAL A 137 -6.83 -23.88 -4.99
C VAL A 137 -5.94 -22.87 -4.22
N VAL A 138 -6.24 -22.59 -2.96
CA VAL A 138 -5.54 -21.48 -2.29
C VAL A 138 -4.96 -21.95 -0.98
N CYS A 139 -3.69 -21.62 -0.69
CA CYS A 139 -3.14 -21.80 0.66
C CYS A 139 -2.78 -20.45 1.23
N PHE A 140 -3.10 -20.26 2.51
CA PHE A 140 -2.67 -19.12 3.30
C PHE A 140 -1.56 -19.62 4.24
N LEU A 141 -0.45 -18.89 4.29
CA LEU A 141 0.59 -19.17 5.24
C LEU A 141 0.60 -17.94 6.12
N ASN A 142 0.06 -18.08 7.33
CA ASN A 142 -0.22 -16.89 8.14
C ASN A 142 0.72 -16.71 9.32
N ASN A 143 1.11 -15.44 9.47
CA ASN A 143 1.75 -14.92 10.69
C ASN A 143 3.09 -15.59 10.99
N PHE A 144 4.00 -15.51 10.03
CA PHE A 144 5.32 -16.12 10.21
C PHE A 144 6.53 -15.12 10.21
N TYR A 145 7.70 -15.62 10.58
CA TYR A 145 8.93 -14.83 10.63
C TYR A 145 10.17 -15.79 10.65
N PRO A 146 11.23 -15.50 9.85
CA PRO A 146 11.36 -14.36 8.93
C PRO A 146 10.50 -14.54 7.65
N LYS A 147 10.59 -13.53 6.78
CA LYS A 147 9.87 -13.47 5.50
C LYS A 147 10.15 -14.62 4.54
N ASP A 148 11.37 -15.16 4.52
CA ASP A 148 11.65 -16.20 3.52
C ASP A 148 10.88 -17.49 3.76
N ILE A 149 10.11 -17.96 2.76
CA ILE A 149 9.35 -19.21 2.91
C ILE A 149 9.18 -19.91 1.55
N ASN A 150 9.12 -21.24 1.56
CA ASN A 150 8.87 -21.98 0.34
C ASN A 150 7.55 -22.82 0.38
N VAL A 151 6.75 -22.77 -0.69
CA VAL A 151 5.56 -23.64 -0.77
C VAL A 151 5.72 -24.49 -2.00
N LYS A 152 5.42 -25.76 -1.83
CA LYS A 152 5.33 -26.64 -2.98
C LYS A 152 3.93 -27.25 -2.98
N TRP A 153 3.37 -27.32 -4.18
CA TRP A 153 2.08 -27.96 -4.37
C TRP A 153 2.28 -29.36 -4.93
N LYS A 154 1.69 -30.35 -4.25
CA LYS A 154 1.60 -31.73 -4.69
C LYS A 154 0.14 -32.14 -5.08
N ILE A 155 -0.02 -32.57 -6.33
CA ILE A 155 -1.27 -33.11 -6.84
C ILE A 155 -1.17 -34.63 -7.05
N ASP A 156 -1.95 -35.38 -6.25
CA ASP A 156 -1.82 -36.83 -6.16
C ASP A 156 -0.37 -37.23 -5.84
N GLY A 157 0.17 -36.61 -4.78
CA GLY A 157 1.50 -36.89 -4.25
C GLY A 157 2.68 -36.41 -5.09
N SER A 158 2.40 -35.74 -6.20
CA SER A 158 3.52 -35.29 -7.04
C SER A 158 3.57 -33.78 -7.25
N GLU A 159 4.79 -33.28 -7.47
CA GLU A 159 5.00 -31.84 -7.46
C GLU A 159 4.51 -31.18 -8.73
N ARG A 160 4.08 -29.93 -8.60
CA ARG A 160 3.57 -29.19 -9.74
C ARG A 160 3.95 -27.76 -9.50
N ALA A 161 4.48 -27.11 -10.55
CA ALA A 161 5.01 -25.76 -10.41
C ALA A 161 4.31 -24.77 -11.33
N ASN A 162 3.82 -25.24 -12.49
CA ASN A 162 3.01 -24.39 -13.37
C ASN A 162 1.69 -23.95 -12.69
N GLY A 163 1.31 -22.68 -12.86
CA GLY A 163 0.03 -22.14 -12.41
C GLY A 163 -0.02 -21.56 -10.98
N VAL A 164 1.10 -21.65 -10.24
CA VAL A 164 1.21 -21.12 -8.86
C VAL A 164 1.68 -19.69 -8.80
N LEU A 165 0.83 -18.77 -8.31
CA LEU A 165 1.20 -17.37 -7.99
C LEU A 165 1.17 -17.11 -6.47
N ASN A 166 2.29 -16.59 -5.94
CA ASN A 166 2.47 -16.28 -4.52
C ASN A 166 2.38 -14.75 -4.30
N SER A 167 1.97 -14.35 -3.09
CA SER A 167 1.92 -12.91 -2.75
C SER A 167 2.06 -12.71 -1.24
N TRP A 168 3.10 -11.99 -0.80
CA TRP A 168 3.31 -11.76 0.61
C TRP A 168 2.67 -10.44 0.96
N THR A 169 2.14 -10.34 2.16
CA THR A 169 1.68 -9.05 2.70
C THR A 169 2.92 -8.27 3.18
N ASP A 170 2.77 -6.97 3.38
CA ASP A 170 3.72 -6.16 4.15
C ASP A 170 3.68 -6.71 5.58
N GLN A 171 4.79 -6.55 6.28
CA GLN A 171 4.88 -6.88 7.69
C GLN A 171 3.71 -6.27 8.51
N ASP A 172 3.27 -7.05 9.48
CA ASP A 172 2.18 -6.64 10.38
C ASP A 172 2.61 -5.57 11.40
N SER A 173 1.81 -4.51 11.51
CA SER A 173 2.13 -3.38 12.42
C SER A 173 2.06 -3.73 13.91
N LYS A 174 1.53 -4.91 14.23
CA LYS A 174 1.24 -5.28 15.62
C LYS A 174 2.13 -6.38 16.15
N ASP A 175 2.17 -7.50 15.42
CA ASP A 175 3.06 -8.60 15.80
C ASP A 175 4.37 -8.76 14.98
N SER A 176 4.59 -7.93 13.95
CA SER A 176 5.85 -8.01 13.19
C SER A 176 5.99 -9.29 12.29
N THR A 177 4.86 -9.98 12.03
CA THR A 177 4.81 -11.18 11.17
C THR A 177 4.48 -10.87 9.70
N TYR A 178 4.74 -11.86 8.83
CA TYR A 178 4.34 -11.81 7.44
C TYR A 178 3.29 -12.90 7.23
N SER A 179 2.65 -12.89 6.07
CA SER A 179 1.66 -13.88 5.75
C SER A 179 1.82 -13.90 4.26
N MET A 180 1.53 -15.03 3.65
CA MET A 180 1.64 -15.12 2.21
C MET A 180 0.52 -16.02 1.75
N THR A 181 0.09 -15.78 0.52
CA THR A 181 -0.97 -16.53 -0.19
C THR A 181 -0.27 -17.27 -1.34
N SER A 182 -0.67 -18.52 -1.57
CA SER A 182 -0.18 -19.25 -2.70
C SER A 182 -1.43 -19.75 -3.42
N THR A 183 -1.58 -19.40 -4.69
CA THR A 183 -2.77 -19.78 -5.44
C THR A 183 -2.44 -20.61 -6.67
N LEU A 184 -2.92 -21.85 -6.73
CA LEU A 184 -2.72 -22.70 -7.90
C LEU A 184 -3.96 -22.75 -8.76
N THR A 185 -3.82 -22.33 -10.01
CA THR A 185 -5.00 -22.20 -10.87
C THR A 185 -4.99 -23.27 -11.99
N LEU A 186 -6.01 -24.13 -12.01
CA LEU A 186 -6.15 -25.18 -13.01
C LEU A 186 -7.42 -24.89 -13.79
N THR A 187 -7.60 -25.60 -14.89
CA THR A 187 -8.92 -25.63 -15.55
C THR A 187 -9.81 -26.63 -14.79
N LYS A 188 -11.12 -26.53 -14.96
CA LYS A 188 -12.00 -27.49 -14.31
C LYS A 188 -11.63 -28.92 -14.73
N ASP A 189 -11.28 -29.12 -16.00
CA ASP A 189 -11.03 -30.45 -16.55
C ASP A 189 -9.80 -31.08 -15.87
N GLU A 190 -8.73 -30.30 -15.66
CA GLU A 190 -7.52 -30.82 -14.99
C GLU A 190 -7.80 -30.97 -13.50
N TYR A 191 -8.57 -30.06 -12.92
CA TYR A 191 -8.87 -30.22 -11.49
C TYR A 191 -9.64 -31.52 -11.23
N GLU A 192 -10.53 -31.86 -12.15
CA GLU A 192 -11.37 -33.05 -12.00
C GLU A 192 -10.61 -34.37 -12.25
N ARG A 193 -9.40 -34.29 -12.81
CA ARG A 193 -8.59 -35.49 -13.04
C ARG A 193 -7.81 -35.99 -11.84
N HIS A 194 -7.82 -35.26 -10.73
CA HIS A 194 -7.02 -35.73 -9.62
C HIS A 194 -7.71 -35.59 -8.29
N ASN A 195 -7.11 -36.21 -7.26
CA ASN A 195 -7.81 -36.29 -6.00
C ASN A 195 -7.15 -35.57 -4.85
N SER A 196 -5.85 -35.76 -4.72
CA SER A 196 -5.15 -35.23 -3.59
C SER A 196 -4.56 -33.89 -3.93
N TYR A 197 -4.90 -32.91 -3.10
CA TYR A 197 -4.38 -31.58 -3.33
C TYR A 197 -3.66 -31.13 -2.06
N THR A 198 -2.36 -30.90 -2.21
CA THR A 198 -1.48 -30.72 -1.08
C THR A 198 -0.60 -29.47 -1.17
N CYS A 199 -0.62 -28.71 -0.09
CA CYS A 199 0.17 -27.49 -0.04
C CYS A 199 1.19 -27.74 1.07
N GLU A 200 2.48 -27.64 0.75
CA GLU A 200 3.54 -27.89 1.76
C GLU A 200 4.38 -26.65 2.07
N ALA A 201 4.46 -26.29 3.36
CA ALA A 201 5.12 -25.05 3.72
C ALA A 201 6.48 -25.35 4.39
N SER A 202 7.56 -24.90 3.75
CA SER A 202 8.92 -24.99 4.31
C SER A 202 9.53 -23.64 4.65
N HIS A 203 9.80 -23.53 5.94
CA HIS A 203 10.21 -22.34 6.68
C HIS A 203 11.29 -22.79 7.67
N LYS A 204 12.18 -21.87 8.02
CA LYS A 204 13.35 -22.29 8.77
C LYS A 204 12.97 -22.69 10.23
N THR A 205 11.82 -22.24 10.72
CA THR A 205 11.38 -22.64 12.05
C THR A 205 11.16 -24.18 12.16
N SER A 206 11.12 -24.91 11.04
CA SER A 206 11.10 -26.36 11.19
C SER A 206 11.84 -27.12 10.08
N THR A 207 12.40 -28.28 10.43
CA THR A 207 12.99 -29.18 9.43
C THR A 207 11.87 -29.97 8.71
N SER A 208 10.75 -30.11 9.41
CA SER A 208 9.54 -30.81 8.94
C SER A 208 8.57 -29.81 8.23
N PRO A 209 8.32 -30.04 6.93
CA PRO A 209 7.31 -29.24 6.22
C PRO A 209 5.95 -29.24 6.95
N ILE A 210 5.30 -28.07 7.03
CA ILE A 210 3.86 -28.04 7.37
C ILE A 210 3.06 -28.33 6.11
N VAL A 211 2.21 -29.34 6.23
CA VAL A 211 1.44 -29.88 5.11
C VAL A 211 -0.06 -29.79 5.40
N LYS A 212 -0.77 -29.11 4.51
CA LYS A 212 -2.22 -29.07 4.53
C LYS A 212 -2.73 -29.62 3.20
N SER A 213 -3.74 -30.48 3.31
CA SER A 213 -4.22 -31.26 2.19
C SER A 213 -5.73 -31.45 2.30
N PHE A 214 -6.32 -31.72 1.16
CA PHE A 214 -7.74 -32.06 1.08
C PHE A 214 -7.87 -33.00 -0.08
N ASN A 215 -8.86 -33.88 -0.03
CA ASN A 215 -9.07 -34.84 -1.09
C ASN A 215 -10.34 -34.39 -1.80
N ARG A 216 -10.36 -34.47 -3.12
CA ARG A 216 -11.46 -33.88 -3.87
C ARG A 216 -12.80 -34.63 -3.66
N ASN A 217 -12.78 -35.98 -3.60
CA ASN A 217 -13.91 -36.68 -2.90
C ASN A 217 -14.29 -35.95 -1.53
N GLU A 218 -14.95 -34.79 -1.62
CA GLU A 218 -15.16 -33.82 -0.50
C GLU A 218 -15.23 -34.39 0.93
N GLU B 1 -12.41 19.13 11.36
CA GLU B 1 -11.00 18.88 11.14
C GLU B 1 -10.54 19.24 9.71
N VAL B 2 -9.23 19.26 9.52
CA VAL B 2 -8.70 19.44 8.17
C VAL B 2 -9.06 18.19 7.36
N LYS B 3 -9.76 18.37 6.24
CA LYS B 3 -10.04 17.23 5.37
C LYS B 3 -9.56 17.58 3.94
N LEU B 4 -8.77 16.65 3.38
CA LEU B 4 -8.28 16.68 1.99
C LEU B 4 -8.72 15.36 1.32
N VAL B 5 -9.31 15.44 0.13
CA VAL B 5 -9.89 14.25 -0.51
C VAL B 5 -9.61 14.25 -2.03
N GLU B 6 -8.75 13.34 -2.52
CA GLU B 6 -8.52 13.37 -3.97
C GLU B 6 -9.61 12.58 -4.63
N SER B 7 -9.93 12.95 -5.88
CA SER B 7 -10.77 12.09 -6.67
C SER B 7 -10.41 12.29 -8.13
N GLY B 8 -10.92 11.39 -8.98
CA GLY B 8 -10.85 11.49 -10.42
C GLY B 8 -9.89 10.47 -11.01
N GLY B 9 -9.26 9.66 -10.12
CA GLY B 9 -8.29 8.63 -10.50
C GLY B 9 -8.92 7.43 -11.21
N GLY B 10 -8.19 6.79 -12.12
CA GLY B 10 -8.74 5.64 -12.84
C GLY B 10 -7.93 5.23 -14.06
N LEU B 11 -8.53 4.43 -14.97
CA LEU B 11 -7.83 3.96 -16.17
C LEU B 11 -7.86 5.03 -17.23
N VAL B 12 -6.71 5.27 -17.85
CA VAL B 12 -6.64 6.15 -19.04
C VAL B 12 -5.59 5.56 -19.99
N GLN B 13 -5.90 5.70 -21.28
CA GLN B 13 -5.11 5.23 -22.43
C GLN B 13 -3.82 6.04 -22.51
N PRO B 14 -2.73 5.37 -22.85
CA PRO B 14 -1.48 6.09 -23.07
C PRO B 14 -1.75 7.19 -24.14
N GLY B 15 -1.25 8.41 -23.96
CA GLY B 15 -1.45 9.49 -24.91
C GLY B 15 -2.66 10.30 -24.49
N GLY B 16 -3.45 9.75 -23.57
CA GLY B 16 -4.67 10.41 -23.11
C GLY B 16 -4.47 11.48 -22.04
N SER B 17 -5.58 12.11 -21.65
CA SER B 17 -5.56 13.15 -20.60
C SER B 17 -6.50 12.84 -19.42
N LEU B 18 -6.23 13.40 -18.24
CA LEU B 18 -7.08 13.17 -17.07
C LEU B 18 -6.86 14.34 -16.13
N ARG B 19 -7.92 14.68 -15.41
CA ARG B 19 -7.84 15.74 -14.43
C ARG B 19 -8.28 15.14 -13.11
N LEU B 20 -7.49 15.39 -12.06
CA LEU B 20 -7.85 15.02 -10.70
C LEU B 20 -8.29 16.27 -9.99
N ALA B 21 -9.02 16.04 -8.89
CA ALA B 21 -9.52 17.10 -8.07
C ALA B 21 -9.25 16.76 -6.61
N CYS B 22 -9.12 17.81 -5.81
CA CYS B 22 -8.76 17.65 -4.42
C CYS B 22 -9.64 18.59 -3.60
N ALA B 23 -10.62 18.04 -2.89
CA ALA B 23 -11.55 18.85 -2.11
C ALA B 23 -11.03 19.00 -0.68
N THR B 24 -11.01 20.24 -0.19
CA THR B 24 -10.49 20.57 1.13
C THR B 24 -11.52 21.31 1.96
N SER B 25 -11.44 21.14 3.28
CA SER B 25 -12.22 21.89 4.27
C SER B 25 -11.44 21.97 5.59
N GLY B 26 -11.89 22.81 6.52
CA GLY B 26 -11.36 22.83 7.87
C GLY B 26 -10.20 23.78 8.06
N PHE B 27 -10.00 24.69 7.10
CA PHE B 27 -8.92 25.66 7.18
C PHE B 27 -9.08 26.68 6.06
N THR B 28 -8.37 27.79 6.17
CA THR B 28 -8.59 28.92 5.29
C THR B 28 -7.85 28.75 3.96
N PHE B 29 -8.60 28.24 2.98
CA PHE B 29 -8.02 27.78 1.73
C PHE B 29 -7.01 28.76 1.14
N THR B 30 -7.38 30.04 0.96
CA THR B 30 -6.50 31.00 0.28
C THR B 30 -5.17 31.30 0.99
N ASP B 31 -5.08 30.91 2.26
CA ASP B 31 -3.84 31.09 3.02
C ASP B 31 -2.70 30.19 2.50
N TYR B 32 -3.06 29.01 2.00
CA TYR B 32 -2.11 27.96 1.68
C TYR B 32 -1.69 27.75 0.21
N TYR B 33 -0.38 27.63 0.01
CA TYR B 33 0.17 26.90 -1.12
C TYR B 33 -0.45 25.50 -1.07
N MET B 34 -0.62 24.90 -2.24
CA MET B 34 -1.06 23.50 -2.33
C MET B 34 -0.14 22.76 -3.28
N SER B 35 0.26 21.53 -2.91
CA SER B 35 1.14 20.72 -3.76
C SER B 35 0.45 19.45 -4.21
N TRP B 36 0.89 18.93 -5.37
CA TRP B 36 0.62 17.54 -5.75
C TRP B 36 1.90 16.70 -5.73
N VAL B 37 1.71 15.43 -5.34
CA VAL B 37 2.80 14.51 -5.16
C VAL B 37 2.33 13.15 -5.67
N ARG B 38 3.19 12.40 -6.35
CA ARG B 38 2.75 11.06 -6.76
C ARG B 38 3.67 9.94 -6.26
N GLN B 39 3.20 8.67 -6.36
CA GLN B 39 3.95 7.52 -5.92
C GLN B 39 3.60 6.31 -6.84
N PRO B 40 4.51 5.93 -7.75
CA PRO B 40 4.12 4.77 -8.56
C PRO B 40 4.08 3.59 -7.57
N PRO B 41 3.24 2.58 -7.84
CA PRO B 41 3.12 1.43 -6.95
C PRO B 41 4.52 0.93 -6.62
N GLY B 42 4.73 0.73 -5.33
CA GLY B 42 6.01 0.22 -4.86
C GLY B 42 7.20 1.17 -4.82
N LYS B 43 7.02 2.45 -5.12
CA LYS B 43 8.23 3.29 -5.34
C LYS B 43 8.18 4.56 -4.47
N ALA B 44 9.09 5.52 -4.73
CA ALA B 44 9.27 6.70 -3.86
C ALA B 44 8.24 7.80 -4.14
N LEU B 45 7.96 8.65 -3.14
CA LEU B 45 7.19 9.89 -3.42
C LEU B 45 7.94 10.74 -4.48
N GLU B 46 7.20 11.47 -5.31
CA GLU B 46 7.86 12.46 -6.20
C GLU B 46 7.06 13.74 -6.20
N TRP B 47 7.66 14.88 -5.88
CA TRP B 47 6.89 16.14 -5.84
C TRP B 47 6.69 16.57 -7.28
N LEU B 48 5.46 17.01 -7.61
CA LEU B 48 5.08 17.38 -8.99
C LEU B 48 4.96 18.89 -9.23
N GLY B 49 4.40 19.58 -8.24
CA GLY B 49 4.22 21.00 -8.39
C GLY B 49 3.40 21.60 -7.29
N PHE B 50 3.28 22.92 -7.34
CA PHE B 50 2.43 23.59 -6.37
C PHE B 50 1.84 24.86 -6.96
N ILE B 51 0.87 25.39 -6.25
CA ILE B 51 0.29 26.65 -6.63
C ILE B 51 0.25 27.46 -5.34
N ARG B 52 0.74 28.70 -5.41
CA ARG B 52 1.04 29.45 -4.20
C ARG B 52 -0.26 30.02 -3.68
N ASN B 53 -0.19 30.63 -2.49
CA ASN B 53 -1.36 31.21 -1.82
C ASN B 53 -1.78 32.57 -2.44
N LYS B 54 -2.70 33.27 -1.77
CA LYS B 54 -3.22 34.56 -2.27
C LYS B 54 -2.11 35.59 -2.27
N ALA B 55 -1.49 35.77 -1.11
CA ALA B 55 -0.45 36.80 -1.02
C ALA B 55 0.49 36.74 -2.21
N LYS B 56 0.79 35.52 -2.69
CA LYS B 56 1.81 35.41 -3.74
C LYS B 56 1.13 35.28 -5.11
N GLY B 57 -0.19 35.48 -5.09
CA GLY B 57 -1.01 35.54 -6.28
C GLY B 57 -1.11 34.22 -7.04
N TYR B 58 -1.25 33.11 -6.30
CA TYR B 58 -1.53 31.81 -6.91
C TYR B 58 -0.65 31.48 -8.11
N THR B 59 0.64 31.88 -8.11
CA THR B 59 1.53 31.42 -9.18
C THR B 59 1.73 29.89 -9.07
N THR B 60 2.15 29.28 -10.18
CA THR B 60 2.43 27.84 -10.21
C THR B 60 3.91 27.51 -10.49
N GLU B 61 4.41 26.42 -9.88
CA GLU B 61 5.72 25.85 -10.23
C GLU B 61 5.58 24.32 -10.42
N TYR B 62 6.38 23.77 -11.33
CA TYR B 62 6.38 22.35 -11.66
C TYR B 62 7.78 21.74 -11.53
N SER B 63 7.83 20.43 -11.31
CA SER B 63 9.09 19.71 -11.27
C SER B 63 9.44 19.57 -12.75
N ALA B 64 10.69 19.32 -13.06
CA ALA B 64 11.09 19.27 -14.46
C ALA B 64 10.45 18.06 -15.14
N SER B 65 9.97 17.12 -14.34
CA SER B 65 9.54 15.83 -14.90
C SER B 65 8.15 15.94 -15.53
N VAL B 66 7.41 16.97 -15.10
CA VAL B 66 6.06 17.18 -15.63
C VAL B 66 5.81 18.62 -16.12
N LYS B 67 6.80 19.49 -16.10
CA LYS B 67 6.58 20.89 -16.51
C LYS B 67 6.15 20.94 -17.99
N GLY B 68 5.07 21.66 -18.28
CA GLY B 68 4.59 21.77 -19.65
C GLY B 68 3.63 20.69 -20.11
N ARG B 69 3.36 19.73 -19.19
CA ARG B 69 2.51 18.60 -19.53
C ARG B 69 1.40 18.50 -18.48
N PHE B 70 1.74 18.95 -17.27
CA PHE B 70 0.78 19.04 -16.18
C PHE B 70 0.50 20.50 -15.81
N THR B 71 -0.76 20.77 -15.52
CA THR B 71 -1.19 22.10 -15.10
C THR B 71 -1.94 22.01 -13.80
N ILE B 72 -1.61 22.89 -12.88
CA ILE B 72 -2.31 22.97 -11.62
C ILE B 72 -3.12 24.25 -11.61
N SER B 73 -4.28 24.21 -10.99
CA SER B 73 -5.20 25.35 -10.92
C SER B 73 -5.96 25.14 -9.60
N ARG B 74 -6.65 26.16 -9.09
CA ARG B 74 -7.47 26.06 -7.87
C ARG B 74 -8.80 26.85 -8.03
N ASP B 75 -9.81 26.49 -7.25
CA ASP B 75 -11.08 27.20 -7.27
C ASP B 75 -11.30 27.65 -5.84
N ASN B 76 -10.96 28.93 -5.60
CA ASN B 76 -10.90 29.43 -4.22
C ASN B 76 -12.27 29.60 -3.55
N SER B 77 -13.29 29.80 -4.40
CA SER B 77 -14.69 29.90 -4.01
C SER B 77 -15.17 28.58 -3.45
N GLN B 78 -14.58 27.50 -3.94
CA GLN B 78 -14.96 26.17 -3.47
C GLN B 78 -13.91 25.48 -2.59
N SER B 79 -12.70 26.02 -2.51
CA SER B 79 -11.69 25.40 -1.65
C SER B 79 -11.21 24.08 -2.30
N SER B 80 -10.96 24.15 -3.59
CA SER B 80 -10.66 22.99 -4.40
C SER B 80 -9.34 23.15 -5.14
N LEU B 81 -8.68 22.02 -5.38
CA LEU B 81 -7.40 22.05 -6.06
C LEU B 81 -7.50 21.05 -7.23
N TYR B 82 -6.87 21.38 -8.36
CA TYR B 82 -6.95 20.47 -9.51
C TYR B 82 -5.60 20.13 -10.11
N LEU B 83 -5.50 18.96 -10.75
CA LEU B 83 -4.35 18.69 -11.59
C LEU B 83 -4.76 18.27 -12.99
N GLN B 84 -4.41 19.08 -13.99
CA GLN B 84 -4.65 18.65 -15.38
C GLN B 84 -3.44 17.85 -15.94
N MET B 85 -3.67 16.59 -16.31
CA MET B 85 -2.55 15.80 -16.81
C MET B 85 -2.74 15.52 -18.28
N ASN B 86 -1.64 15.57 -19.06
CA ASN B 86 -1.76 15.43 -20.51
C ASN B 86 -0.72 14.49 -21.03
N THR B 87 -0.99 13.96 -22.21
CA THR B 87 -0.06 13.06 -22.88
C THR B 87 0.49 12.07 -21.86
N LEU B 88 -0.41 11.34 -21.23
CA LEU B 88 -0.01 10.39 -20.21
C LEU B 88 0.79 9.21 -20.78
N ARG B 89 1.80 8.80 -20.02
CA ARG B 89 2.53 7.56 -20.33
C ARG B 89 2.62 6.60 -19.11
N ALA B 90 3.16 5.41 -19.33
CA ALA B 90 3.16 4.38 -18.31
C ALA B 90 3.83 4.92 -17.04
N GLU B 91 4.89 5.71 -17.17
CA GLU B 91 5.58 6.24 -15.98
C GLU B 91 4.64 7.11 -15.11
N ASP B 92 3.57 7.62 -15.72
CA ASP B 92 2.60 8.37 -14.93
C ASP B 92 1.65 7.52 -14.09
N SER B 93 1.69 6.18 -14.22
CA SER B 93 0.78 5.32 -13.42
C SER B 93 1.20 5.46 -11.95
N ALA B 94 0.31 5.97 -11.08
CA ALA B 94 0.75 6.23 -9.68
C ALA B 94 -0.39 6.65 -8.79
N THR B 95 -0.21 6.62 -7.47
CA THR B 95 -1.22 7.21 -6.61
C THR B 95 -0.84 8.69 -6.50
N TYR B 96 -1.81 9.59 -6.66
CA TYR B 96 -1.54 11.04 -6.67
C TYR B 96 -2.18 11.58 -5.44
N TYR B 97 -1.42 12.34 -4.68
CA TYR B 97 -1.94 12.94 -3.44
C TYR B 97 -1.86 14.47 -3.56
N CYS B 98 -2.84 15.18 -2.97
CA CYS B 98 -2.57 16.58 -2.72
C CYS B 98 -2.26 16.77 -1.23
N ALA B 99 -1.52 17.84 -0.93
CA ALA B 99 -1.03 18.10 0.40
C ALA B 99 -0.97 19.58 0.51
N ARG B 100 -1.39 20.00 1.69
CA ARG B 100 -1.32 21.37 2.17
C ARG B 100 0.11 21.85 2.39
N ASP B 101 0.54 22.80 1.56
CA ASP B 101 1.95 23.27 1.58
C ASP B 101 2.12 24.52 2.47
N HIS B 102 3.08 25.35 2.07
CA HIS B 102 3.44 26.64 2.73
C HIS B 102 2.25 27.59 2.99
N ASP B 103 2.24 28.20 4.18
CA ASP B 103 1.38 29.35 4.51
C ASP B 103 2.17 30.65 4.70
N GLY B 104 3.48 30.62 4.44
CA GLY B 104 4.31 31.81 4.58
C GLY B 104 5.19 31.81 5.84
N TYR B 105 4.82 31.01 6.83
CA TYR B 105 5.76 30.62 7.89
C TYR B 105 6.29 29.17 7.70
N TYR B 106 5.51 28.22 8.23
CA TYR B 106 5.88 26.81 8.37
C TYR B 106 6.27 26.17 7.05
N GLU B 107 7.43 25.54 7.01
CA GLU B 107 7.88 24.84 5.83
C GLU B 107 7.53 23.38 6.06
N ARG B 108 6.34 22.97 5.61
CA ARG B 108 5.87 21.59 5.92
C ARG B 108 4.59 21.21 5.15
N PHE B 109 4.50 19.94 4.72
CA PHE B 109 3.24 19.39 4.24
C PHE B 109 2.49 18.80 5.46
N ALA B 110 1.68 19.64 6.14
CA ALA B 110 1.09 19.21 7.41
C ALA B 110 0.04 18.14 7.17
N TYR B 111 -0.59 18.20 6.00
CA TYR B 111 -1.77 17.38 5.74
C TYR B 111 -1.75 16.86 4.32
N TRP B 112 -2.31 15.64 4.13
CA TRP B 112 -2.24 14.89 2.88
C TRP B 112 -3.59 14.23 2.60
N GLY B 113 -4.04 14.16 1.34
CA GLY B 113 -5.20 13.34 0.95
C GLY B 113 -4.96 11.83 1.16
N GLN B 114 -5.99 11.01 0.93
CA GLN B 114 -5.84 9.54 1.02
C GLN B 114 -5.19 8.99 -0.29
N GLY B 115 -5.24 9.83 -1.34
CA GLY B 115 -4.65 9.52 -2.64
C GLY B 115 -5.66 8.96 -3.63
N THR B 116 -5.40 9.17 -4.94
CA THR B 116 -6.27 8.55 -5.94
C THR B 116 -5.39 7.86 -7.02
N LEU B 117 -5.70 6.60 -7.38
CA LEU B 117 -4.74 5.80 -8.12
C LEU B 117 -5.01 6.04 -9.60
N VAL B 118 -3.99 6.42 -10.38
CA VAL B 118 -4.13 6.55 -11.89
C VAL B 118 -3.41 5.37 -12.57
N THR B 119 -4.06 4.66 -13.52
CA THR B 119 -3.42 3.56 -14.23
C THR B 119 -3.38 3.99 -15.73
N VAL B 120 -2.18 4.04 -16.34
CA VAL B 120 -2.09 4.37 -17.79
C VAL B 120 -1.90 3.09 -18.61
N SER B 121 -2.93 2.62 -19.29
CA SER B 121 -2.80 1.33 -19.95
C SER B 121 -3.80 1.23 -21.07
N ALA B 122 -3.49 0.39 -22.07
CA ALA B 122 -4.43 0.16 -23.17
C ALA B 122 -5.46 -0.99 -22.85
N ALA B 123 -5.04 -1.90 -21.98
CA ALA B 123 -5.91 -2.95 -21.38
C ALA B 123 -7.31 -2.46 -20.96
N ALA B 124 -8.32 -3.36 -21.01
CA ALA B 124 -9.72 -2.90 -20.87
C ALA B 124 -10.17 -3.00 -19.40
N THR B 125 -11.13 -2.20 -18.94
CA THR B 125 -11.71 -2.44 -17.58
C THR B 125 -12.40 -3.81 -17.50
N THR B 126 -12.07 -4.63 -16.48
CA THR B 126 -12.70 -5.94 -16.25
C THR B 126 -13.12 -6.15 -14.76
N PRO B 127 -14.39 -6.50 -14.50
CA PRO B 127 -14.82 -6.61 -13.12
C PRO B 127 -14.25 -7.94 -12.59
N PRO B 128 -14.01 -8.01 -11.27
CA PRO B 128 -13.49 -9.23 -10.66
C PRO B 128 -14.57 -10.27 -10.55
N SER B 129 -14.21 -11.54 -10.62
CA SER B 129 -15.08 -12.59 -10.08
C SER B 129 -14.72 -12.71 -8.57
N VAL B 130 -15.68 -13.02 -7.70
CA VAL B 130 -15.40 -13.11 -6.26
C VAL B 130 -15.86 -14.45 -5.73
N TYR B 131 -14.92 -15.23 -5.18
CA TYR B 131 -15.28 -16.59 -4.78
C TYR B 131 -15.06 -16.80 -3.27
N PRO B 132 -15.95 -17.58 -2.62
CA PRO B 132 -15.85 -17.82 -1.16
C PRO B 132 -14.69 -18.80 -0.93
N LEU B 133 -13.89 -18.58 0.11
CA LEU B 133 -12.90 -19.58 0.49
C LEU B 133 -13.38 -20.10 1.86
N ALA B 134 -13.92 -21.31 1.84
CA ALA B 134 -14.55 -21.95 2.99
C ALA B 134 -13.79 -23.25 3.16
N PRO B 135 -13.54 -23.62 4.42
CA PRO B 135 -12.90 -24.89 4.85
C PRO B 135 -13.58 -26.17 4.28
N ASN B 142 -11.33 -25.92 15.02
CA ASN B 142 -10.91 -25.86 16.42
C ASN B 142 -10.96 -24.44 17.01
N SER B 143 -9.88 -24.05 17.68
CA SER B 143 -9.83 -22.77 18.39
C SER B 143 -10.24 -21.63 17.45
N MET B 144 -9.25 -21.12 16.71
CA MET B 144 -9.45 -20.16 15.63
C MET B 144 -9.77 -20.88 14.30
N VAL B 145 -10.63 -20.27 13.46
CA VAL B 145 -10.87 -20.67 12.06
C VAL B 145 -10.63 -19.53 11.00
N THR B 146 -10.02 -19.92 9.88
CA THR B 146 -9.59 -18.96 8.85
C THR B 146 -10.48 -19.12 7.61
N LEU B 147 -11.07 -17.99 7.21
CA LEU B 147 -11.92 -17.94 6.03
C LEU B 147 -11.21 -17.01 5.03
N GLY B 148 -11.71 -17.04 3.79
CA GLY B 148 -11.22 -16.13 2.77
C GLY B 148 -12.15 -15.77 1.63
N CYS B 149 -11.73 -14.75 0.87
CA CYS B 149 -12.31 -14.44 -0.44
C CYS B 149 -11.19 -14.32 -1.50
N LEU B 150 -11.46 -14.93 -2.66
CA LEU B 150 -10.58 -14.90 -3.82
C LEU B 150 -11.23 -13.92 -4.75
N VAL B 151 -10.49 -12.86 -5.13
CA VAL B 151 -11.07 -11.80 -5.95
C VAL B 151 -10.26 -11.84 -7.27
N LYS B 152 -10.81 -12.46 -8.30
CA LYS B 152 -9.97 -12.88 -9.41
C LYS B 152 -10.33 -12.27 -10.77
N GLY B 153 -9.30 -11.99 -11.58
CA GLY B 153 -9.48 -11.49 -12.93
C GLY B 153 -9.91 -10.04 -13.14
N TYR B 154 -9.45 -9.05 -12.34
CA TYR B 154 -9.99 -7.72 -12.56
C TYR B 154 -8.93 -6.74 -13.09
N PHE B 155 -9.39 -5.60 -13.63
CA PHE B 155 -8.45 -4.57 -14.11
C PHE B 155 -9.28 -3.33 -14.19
N PRO B 156 -8.66 -2.20 -13.84
CA PRO B 156 -7.34 -2.07 -13.24
C PRO B 156 -7.53 -2.16 -11.73
N GLU B 157 -6.45 -2.03 -10.97
CA GLU B 157 -6.53 -1.62 -9.54
C GLU B 157 -7.25 -0.28 -9.33
N PRO B 158 -7.75 -0.04 -8.09
CA PRO B 158 -7.72 -0.92 -6.89
C PRO B 158 -9.02 -1.73 -6.70
N VAL B 159 -9.00 -2.70 -5.78
CA VAL B 159 -10.20 -3.22 -5.19
C VAL B 159 -10.04 -3.05 -3.68
N THR B 160 -11.16 -2.84 -3.00
CA THR B 160 -11.21 -2.91 -1.55
C THR B 160 -11.91 -4.20 -1.17
N VAL B 161 -11.50 -4.77 -0.04
CA VAL B 161 -12.19 -5.89 0.58
C VAL B 161 -12.38 -5.54 2.05
N THR B 162 -13.62 -5.58 2.55
CA THR B 162 -13.85 -5.55 4.01
C THR B 162 -14.57 -6.84 4.38
N TRP B 163 -14.58 -7.15 5.69
CA TRP B 163 -15.36 -8.27 6.20
C TRP B 163 -16.46 -7.79 7.17
N ASN B 164 -17.67 -8.36 7.05
CA ASN B 164 -18.89 -7.78 7.62
C ASN B 164 -18.87 -6.28 7.72
N SER B 165 -18.89 -5.63 6.56
CA SER B 165 -18.97 -4.16 6.44
C SER B 165 -17.94 -3.36 7.22
N GLY B 166 -16.82 -4.00 7.52
CA GLY B 166 -15.73 -3.30 8.19
C GLY B 166 -15.72 -3.61 9.68
N SER B 167 -16.73 -4.36 10.12
CA SER B 167 -16.86 -4.68 11.56
C SER B 167 -15.97 -5.86 11.98
N LEU B 168 -15.45 -6.62 11.02
CA LEU B 168 -14.31 -7.52 11.31
C LEU B 168 -13.04 -6.84 10.83
N SER B 169 -12.12 -6.53 11.75
CA SER B 169 -10.93 -5.74 11.39
C SER B 169 -9.62 -6.47 11.64
N THR B 170 -9.50 -7.04 12.84
CA THR B 170 -8.29 -7.75 13.25
C THR B 170 -8.29 -9.15 12.70
N GLY B 171 -7.10 -9.72 12.59
CA GLY B 171 -6.98 -11.03 11.99
C GLY B 171 -7.38 -10.97 10.52
N VAL B 172 -7.30 -9.78 9.91
CA VAL B 172 -7.50 -9.68 8.47
C VAL B 172 -6.16 -9.58 7.77
N HIS B 173 -5.95 -10.42 6.75
CA HIS B 173 -4.83 -10.19 5.85
C HIS B 173 -5.40 -10.08 4.43
N THR B 174 -5.13 -8.96 3.77
CA THR B 174 -5.48 -8.83 2.35
C THR B 174 -4.15 -8.83 1.58
N PHE B 175 -3.96 -9.82 0.72
CA PHE B 175 -2.71 -9.92 0.01
C PHE B 175 -2.69 -9.02 -1.22
N PRO B 176 -1.57 -8.35 -1.46
CA PRO B 176 -1.32 -7.47 -2.62
C PRO B 176 -1.63 -8.22 -3.94
N ALA B 177 -2.42 -7.63 -4.81
CA ALA B 177 -2.84 -8.24 -6.04
C ALA B 177 -1.58 -8.49 -6.84
N VAL B 178 -1.62 -9.53 -7.67
CA VAL B 178 -0.58 -9.84 -8.66
C VAL B 178 -1.15 -9.87 -10.07
N LEU B 179 -0.46 -9.21 -10.98
CA LEU B 179 -0.93 -9.03 -12.34
C LEU B 179 -0.46 -10.19 -13.19
N SER B 180 -1.38 -10.84 -13.89
CA SER B 180 -1.00 -11.87 -14.85
C SER B 180 -1.92 -11.79 -16.06
N SER B 181 -1.31 -11.53 -17.21
CA SER B 181 -2.00 -11.48 -18.48
C SER B 181 -2.97 -10.36 -18.45
N ASP B 182 -2.49 -9.20 -18.00
CA ASP B 182 -3.30 -8.00 -17.94
C ASP B 182 -4.51 -8.16 -17.03
N LEU B 183 -4.47 -9.09 -16.10
CA LEU B 183 -5.55 -9.17 -15.11
C LEU B 183 -4.98 -9.36 -13.71
N TYR B 184 -5.52 -8.62 -12.75
CA TYR B 184 -5.07 -8.81 -11.37
C TYR B 184 -5.92 -9.90 -10.66
N THR B 185 -5.28 -10.55 -9.68
CA THR B 185 -5.95 -11.42 -8.72
C THR B 185 -5.42 -11.09 -7.34
N LEU B 186 -6.32 -11.00 -6.36
CA LEU B 186 -5.91 -11.01 -4.95
C LEU B 186 -6.85 -11.86 -4.09
N THR B 187 -6.39 -12.16 -2.88
CA THR B 187 -7.26 -12.78 -1.90
C THR B 187 -7.14 -12.06 -0.58
N SER B 188 -8.18 -12.23 0.25
CA SER B 188 -8.18 -11.74 1.62
C SER B 188 -8.47 -12.91 2.56
N SER B 189 -7.84 -12.96 3.72
CA SER B 189 -8.20 -13.96 4.76
C SER B 189 -8.60 -13.30 6.08
N VAL B 190 -9.54 -13.94 6.79
CA VAL B 190 -9.90 -13.45 8.10
C VAL B 190 -9.94 -14.64 9.06
N THR B 191 -9.45 -14.42 10.27
CA THR B 191 -9.43 -15.48 11.25
C THR B 191 -10.31 -15.11 12.42
N VAL B 192 -11.28 -15.97 12.67
CA VAL B 192 -12.21 -15.76 13.77
C VAL B 192 -12.35 -17.05 14.62
N PRO B 193 -12.69 -16.89 15.93
CA PRO B 193 -12.92 -18.08 16.77
C PRO B 193 -14.05 -18.92 16.16
N SER B 194 -13.91 -20.24 16.05
CA SER B 194 -14.99 -21.11 15.51
C SER B 194 -16.32 -21.09 16.32
N LYS B 195 -16.26 -20.53 17.53
CA LYS B 195 -17.46 -20.11 18.28
C LYS B 195 -18.36 -19.30 17.34
N THR B 196 -17.78 -18.22 16.81
CA THR B 196 -18.45 -17.20 16.00
C THR B 196 -18.94 -17.69 14.62
N TRP B 197 -18.33 -18.74 14.09
CA TRP B 197 -18.62 -19.18 12.74
C TRP B 197 -18.70 -20.70 12.73
N PRO B 198 -19.65 -21.28 11.96
CA PRO B 198 -20.68 -20.60 11.14
C PRO B 198 -21.88 -20.05 11.93
N SER B 199 -21.90 -20.29 13.23
CA SER B 199 -23.03 -19.88 14.06
C SER B 199 -23.44 -18.43 13.72
N GLU B 200 -22.48 -17.52 13.75
CA GLU B 200 -22.70 -16.13 13.32
C GLU B 200 -22.01 -15.79 11.94
N THR B 201 -22.77 -15.16 11.03
CA THR B 201 -22.34 -15.04 9.63
C THR B 201 -21.00 -14.31 9.42
N VAL B 202 -20.30 -14.64 8.31
CA VAL B 202 -19.14 -13.86 7.87
C VAL B 202 -19.31 -13.64 6.40
N THR B 203 -19.15 -12.38 5.99
CA THR B 203 -19.39 -11.97 4.63
C THR B 203 -18.26 -11.06 4.18
N CYS B 204 -17.72 -11.30 2.99
CA CYS B 204 -16.73 -10.32 2.51
C CYS B 204 -17.39 -9.41 1.51
N ASN B 205 -17.12 -8.11 1.66
CA ASN B 205 -17.60 -7.08 0.79
C ASN B 205 -16.44 -6.59 -0.08
N VAL B 206 -16.61 -6.78 -1.37
CA VAL B 206 -15.59 -6.40 -2.36
C VAL B 206 -16.15 -5.28 -3.24
N ALA B 207 -15.39 -4.19 -3.39
CA ALA B 207 -15.72 -3.10 -4.31
C ALA B 207 -14.62 -2.92 -5.35
N HIS B 208 -15.03 -2.69 -6.59
CA HIS B 208 -14.08 -2.43 -7.73
C HIS B 208 -14.55 -1.17 -8.41
N PRO B 209 -14.00 -0.03 -7.95
CA PRO B 209 -14.62 1.25 -8.31
C PRO B 209 -14.53 1.45 -9.84
N ALA B 210 -13.48 0.98 -10.52
CA ALA B 210 -13.43 1.21 -11.98
C ALA B 210 -14.64 0.58 -12.76
N SER B 211 -15.23 -0.48 -12.21
CA SER B 211 -16.42 -1.05 -12.88
C SER B 211 -17.65 -0.85 -11.99
N SER B 212 -17.49 -0.03 -10.95
CA SER B 212 -18.58 0.25 -10.01
C SER B 212 -19.14 -1.05 -9.44
N THR B 213 -18.30 -2.07 -9.29
CA THR B 213 -18.74 -3.35 -8.82
C THR B 213 -18.85 -3.33 -7.29
N LYS B 214 -20.02 -3.77 -6.81
CA LYS B 214 -20.22 -4.06 -5.36
C LYS B 214 -20.70 -5.50 -5.20
N VAL B 215 -19.93 -6.32 -4.46
CA VAL B 215 -20.24 -7.74 -4.26
C VAL B 215 -20.15 -8.08 -2.79
N ASP B 216 -21.12 -8.85 -2.31
CA ASP B 216 -21.01 -9.47 -0.97
C ASP B 216 -20.97 -10.98 -1.18
N LYS B 217 -20.08 -11.67 -0.49
CA LYS B 217 -20.03 -13.09 -0.60
C LYS B 217 -20.05 -13.65 0.84
N LYS B 218 -21.14 -14.36 1.14
CA LYS B 218 -21.34 -15.00 2.45
C LYS B 218 -20.50 -16.25 2.40
N ILE B 219 -19.66 -16.49 3.41
CA ILE B 219 -18.88 -17.72 3.42
C ILE B 219 -19.75 -18.81 4.08
N VAL B 220 -20.21 -19.76 3.28
CA VAL B 220 -21.04 -20.80 3.86
C VAL B 220 -20.25 -22.10 3.93
N PRO B 221 -20.49 -22.88 5.01
CA PRO B 221 -19.77 -24.15 5.19
C PRO B 221 -20.01 -25.05 3.99
N ARG B 222 -19.01 -25.80 3.54
CA ARG B 222 -19.14 -26.67 2.36
C ARG B 222 -20.16 -27.80 2.59
C1 KDA C . 15.02 35.85 2.56
O1B KDA C . 14.72 35.14 3.57
O1A KDA C . 16.15 36.27 2.23
C2 KDA C . 13.82 36.29 1.69
C3 KDA C . 12.76 35.16 1.73
C4 KDA C . 11.48 35.57 1.00
O4 KDA C . 10.54 34.49 1.06
C5 KDA C . 10.95 36.85 1.69
O5 KDA C . 10.62 36.57 3.11
C6 KDA C . 12.02 37.97 1.59
O6 KDA C . 13.24 37.47 2.25
C7 KDA C . 11.50 39.38 1.97
O7 KDA C . 10.21 39.65 1.34
C8 KDA C . 12.53 40.47 1.63
O8 KDA C . 13.76 40.29 2.35
O2 KDA C . 14.18 36.60 0.27
C9 KDA C . 14.73 35.42 -0.23
C10 KDA C . 15.20 35.21 -1.53
C11 KDA C . 15.74 33.97 -1.91
C1 KDO C . 8.27 35.53 1.27
O1A KDO C . 7.75 36.46 0.60
O1B KDO C . 8.06 35.19 2.48
C2 KDO C . 9.24 34.66 0.49
C3 KDO C . 8.54 33.29 0.33
C4 KDO C . 9.33 32.37 -0.58
O4 KDO C . 8.62 31.06 -0.66
C5 KDO C . 9.46 33.17 -1.93
O5 KDO C . 8.14 33.38 -2.47
C6 KDO C . 10.21 34.54 -1.77
O6 KDO C . 9.41 35.28 -0.86
C7 KDO C . 10.20 35.33 -3.10
O7 KDO C . 11.03 34.66 -4.10
C8 KDO C . 10.71 36.78 -2.91
O8 KDO C . 10.62 37.53 -4.16
C1 KDO C . 8.55 30.30 -3.19
O1A KDO C . 7.42 30.81 -3.34
O1B KDO C . 9.27 29.84 -4.12
C2 KDO C . 9.09 30.10 -1.70
C3 KDO C . 8.54 28.74 -1.20
C4 KDO C . 9.14 28.41 0.17
O4 KDO C . 8.80 27.05 0.38
C5 KDO C . 10.64 28.32 -0.02
O5 KDO C . 10.92 27.23 -0.93
C6 KDO C . 11.25 29.64 -0.57
O6 KDO C . 10.57 30.05 -1.82
C7 KDO C . 12.79 29.64 -0.83
O7 KDO C . 13.52 28.87 0.19
C8 KDO C . 13.41 31.03 -1.14
O8 KDO C . 13.20 31.87 0.00
ZN ZN D . -3.25 -34.09 -14.47
#